data_2F13
#
_entry.id   2F13
#
_cell.length_a   87.500
_cell.length_b   88.060
_cell.length_c   92.590
_cell.angle_alpha   90.00
_cell.angle_beta   90.00
_cell.angle_gamma   90.00
#
_symmetry.space_group_name_H-M   'C 2 2 21'
#
loop_
_entity.id
_entity.type
_entity.pdbx_description
1 polymer 'Sialidase 2'
2 non-polymer 'PHOSPHATE ION'
3 non-polymer '(2R)-2,3-dihydroxypropyl 2-acetamido-2,4-dideoxy-alpha-L-threo-hex-4-enopyranosiduronic acid'
4 water water
#
_entity_poly.entity_id   1
_entity_poly.type   'polypeptide(L)'
_entity_poly.pdbx_seq_one_letter_code
;GSMASLPVLQKESVFQSGAHAYRIPALLYLPGQQSLLAFAEQRASKKDEHAELIVLRRGDYDAPTHQVQWQAQEVVAQAR
LDGHRSMNPCPLYDAQTGTLFLFFIAIPGQVTEQQQLQTRANVTRLCQVTSTDHGRTWSSPRDLTDAAIGPAYREWSTFA
VGPGHCLQLNDRARSLVVPAYAYRKLHPIQRPIPSAFCFLSHDHGRTWARGHFVAQDTLECQVAEVETGEQRVVTLNARS
HLRARVQAQSTNDGLDFQESQLVKKLVEPPPQGCQGSVISFPSPRSGPGSPAQWLLYTHPTHSWQRADLGAYLNPRPPAP
EAWSEPVLLAKGSCAYSDLQSMGTGPDGSPLFGCLYEANDYEEIVFLMFTLKQAFPAEYLPQ
;
_entity_poly.pdbx_strand_id   A
#
# COMPACT_ATOMS: atom_id res chain seq x y z
N SER A 5 -17.68 -17.31 5.83
CA SER A 5 -17.08 -16.12 5.17
C SER A 5 -17.41 -16.06 3.68
N LEU A 6 -17.24 -14.87 3.11
CA LEU A 6 -17.53 -14.58 1.72
C LEU A 6 -16.86 -15.48 0.67
N PRO A 7 -17.66 -16.11 -0.22
CA PRO A 7 -17.11 -16.98 -1.26
C PRO A 7 -16.36 -16.15 -2.30
N VAL A 8 -15.13 -16.57 -2.63
CA VAL A 8 -14.29 -15.85 -3.58
C VAL A 8 -13.81 -16.72 -4.74
N LEU A 9 -13.18 -16.09 -5.72
CA LEU A 9 -12.69 -16.83 -6.88
C LEU A 9 -11.46 -17.64 -6.51
N GLN A 10 -10.66 -17.12 -5.58
CA GLN A 10 -9.44 -17.80 -5.19
C GLN A 10 -8.89 -17.37 -3.85
N LYS A 11 -8.29 -18.32 -3.15
CA LYS A 11 -7.66 -18.08 -1.84
C LYS A 11 -6.46 -19.02 -1.79
N GLU A 12 -5.27 -18.46 -1.90
CA GLU A 12 -4.05 -19.27 -1.90
C GLU A 12 -2.91 -18.63 -1.10
N SER A 13 -2.20 -19.45 -0.33
CA SER A 13 -1.06 -18.96 0.44
C SER A 13 0.08 -18.82 -0.56
N VAL A 14 0.62 -17.62 -0.69
CA VAL A 14 1.72 -17.39 -1.64
C VAL A 14 3.08 -17.20 -0.96
N PHE A 15 3.06 -17.02 0.35
CA PHE A 15 4.29 -16.87 1.14
C PHE A 15 4.04 -17.53 2.49
N GLN A 16 5.00 -18.27 3.01
CA GLN A 16 4.81 -18.91 4.31
C GLN A 16 6.14 -19.14 5.01
N SER A 17 6.09 -19.22 6.34
CA SER A 17 7.29 -19.45 7.12
C SER A 17 7.97 -20.76 6.73
N GLY A 18 9.29 -20.70 6.58
CA GLY A 18 10.07 -21.87 6.23
C GLY A 18 11.47 -21.58 6.74
N ALA A 19 12.42 -21.42 5.82
CA ALA A 19 13.78 -21.09 6.21
C ALA A 19 13.74 -19.65 6.70
N HIS A 20 12.78 -18.89 6.18
CA HIS A 20 12.61 -17.49 6.55
C HIS A 20 11.16 -17.17 6.89
N ALA A 21 10.94 -15.96 7.39
CA ALA A 21 9.59 -15.51 7.74
C ALA A 21 9.21 -14.44 6.73
N TYR A 22 7.93 -14.31 6.43
CA TYR A 22 7.48 -13.32 5.46
C TYR A 22 6.39 -12.39 6.01
N ARG A 23 6.57 -11.09 5.78
CA ARG A 23 5.62 -10.09 6.24
C ARG A 23 5.65 -8.87 5.32
N ILE A 24 4.70 -7.97 5.53
CA ILE A 24 4.60 -6.72 4.78
C ILE A 24 4.39 -6.92 3.27
N PRO A 25 3.17 -7.32 2.89
CA PRO A 25 2.83 -7.54 1.49
C PRO A 25 2.60 -6.27 0.68
N ALA A 26 2.75 -6.40 -0.63
CA ALA A 26 2.53 -5.31 -1.57
C ALA A 26 2.13 -6.04 -2.84
N LEU A 27 1.03 -5.60 -3.45
CA LEU A 27 0.55 -6.24 -4.66
C LEU A 27 0.53 -5.23 -5.80
N LEU A 28 0.91 -5.69 -6.99
CA LEU A 28 0.90 -4.81 -8.17
C LEU A 28 0.34 -5.52 -9.38
N TYR A 29 -0.67 -4.92 -9.99
CA TYR A 29 -1.31 -5.48 -11.17
C TYR A 29 -0.72 -4.82 -12.42
N LEU A 30 -0.45 -5.62 -13.45
CA LEU A 30 0.10 -5.13 -14.72
C LEU A 30 -0.99 -5.37 -15.77
N PRO A 31 -1.87 -4.38 -15.96
CA PRO A 31 -2.99 -4.43 -16.92
C PRO A 31 -2.85 -5.23 -18.21
N GLY A 32 -2.02 -4.76 -19.14
CA GLY A 32 -1.85 -5.45 -20.40
C GLY A 32 -1.10 -6.77 -20.32
N GLN A 33 -0.80 -7.25 -19.13
CA GLN A 33 -0.08 -8.50 -19.00
C GLN A 33 -0.93 -9.58 -18.32
N GLN A 34 -2.14 -9.20 -17.89
CA GLN A 34 -3.03 -10.14 -17.20
C GLN A 34 -2.20 -10.78 -16.09
N SER A 35 -1.30 -9.99 -15.51
CA SER A 35 -0.41 -10.49 -14.47
C SER A 35 -0.27 -9.63 -13.21
N LEU A 36 0.11 -10.28 -12.12
CA LEU A 36 0.31 -9.62 -10.82
C LEU A 36 1.69 -9.90 -10.26
N LEU A 37 2.20 -8.95 -9.48
CA LEU A 37 3.50 -9.12 -8.84
C LEU A 37 3.24 -9.01 -7.34
N ALA A 38 3.59 -10.06 -6.60
CA ALA A 38 3.41 -10.08 -5.16
C ALA A 38 4.76 -9.93 -4.46
N PHE A 39 4.91 -8.85 -3.70
CA PHE A 39 6.15 -8.56 -2.99
C PHE A 39 5.95 -8.78 -1.49
N ALA A 40 7.06 -9.04 -0.80
CA ALA A 40 7.03 -9.24 0.64
C ALA A 40 8.43 -9.09 1.18
N GLU A 41 8.55 -8.90 2.49
CA GLU A 41 9.85 -8.81 3.14
C GLU A 41 10.26 -10.23 3.52
N GLN A 42 11.52 -10.58 3.32
CA GLN A 42 12.00 -11.89 3.72
C GLN A 42 12.86 -11.62 4.95
N ARG A 43 12.39 -12.08 6.10
CA ARG A 43 13.09 -11.87 7.36
C ARG A 43 13.82 -13.12 7.83
N ALA A 44 14.95 -12.91 8.51
CA ALA A 44 15.74 -14.01 9.03
C ALA A 44 15.03 -14.66 10.21
N ALA A 51 13.89 -6.28 8.34
CA ALA A 51 13.63 -7.03 7.11
C ALA A 51 14.90 -7.15 6.30
N GLU A 52 15.38 -8.38 6.15
CA GLU A 52 16.61 -8.63 5.41
C GLU A 52 16.48 -8.26 3.94
N LEU A 53 15.65 -8.98 3.20
CA LEU A 53 15.49 -8.71 1.78
C LEU A 53 14.03 -8.65 1.34
N ILE A 54 13.84 -8.26 0.09
CA ILE A 54 12.50 -8.18 -0.49
C ILE A 54 12.40 -9.25 -1.57
N VAL A 55 11.39 -10.12 -1.45
CA VAL A 55 11.19 -11.18 -2.43
C VAL A 55 9.99 -10.86 -3.32
N LEU A 56 9.88 -11.60 -4.42
CA LEU A 56 8.80 -11.39 -5.37
C LEU A 56 8.32 -12.65 -6.06
N ARG A 57 7.02 -12.68 -6.38
CA ARG A 57 6.41 -13.79 -7.10
C ARG A 57 5.52 -13.22 -8.17
N ARG A 58 5.70 -13.72 -9.39
CA ARG A 58 4.91 -13.28 -10.53
C ARG A 58 3.72 -14.21 -10.71
N GLY A 59 2.56 -13.64 -11.01
CA GLY A 59 1.36 -14.43 -11.19
C GLY A 59 0.60 -14.06 -12.44
N ASP A 60 0.17 -15.06 -13.19
CA ASP A 60 -0.58 -14.84 -14.42
C ASP A 60 -2.04 -15.21 -14.18
N TYR A 61 -2.93 -14.27 -14.47
CA TYR A 61 -4.36 -14.47 -14.25
C TYR A 61 -5.11 -15.03 -15.47
N ASP A 62 -5.73 -16.19 -15.29
CA ASP A 62 -6.50 -16.81 -16.36
C ASP A 62 -7.97 -16.70 -15.95
N ALA A 63 -8.72 -15.85 -16.64
CA ALA A 63 -10.14 -15.65 -16.33
C ALA A 63 -10.98 -16.91 -16.46
N PRO A 64 -10.89 -17.61 -17.61
CA PRO A 64 -11.68 -18.83 -17.83
C PRO A 64 -11.63 -19.80 -16.65
N THR A 65 -10.47 -19.91 -16.01
CA THR A 65 -10.31 -20.81 -14.87
C THR A 65 -10.47 -20.06 -13.54
N HIS A 66 -10.71 -18.76 -13.62
CA HIS A 66 -10.88 -17.93 -12.43
C HIS A 66 -9.71 -18.13 -11.47
N GLN A 67 -8.50 -18.23 -12.02
CA GLN A 67 -7.34 -18.45 -11.16
C GLN A 67 -6.06 -17.75 -11.61
N VAL A 68 -5.24 -17.39 -10.64
CA VAL A 68 -3.96 -16.78 -10.92
C VAL A 68 -2.96 -17.90 -10.62
N GLN A 69 -2.04 -18.15 -11.55
CA GLN A 69 -1.04 -19.18 -11.37
C GLN A 69 0.27 -18.48 -11.00
N TRP A 70 0.75 -18.73 -9.78
CA TRP A 70 1.96 -18.10 -9.30
C TRP A 70 3.25 -18.86 -9.61
N GLN A 71 4.25 -18.11 -10.06
CA GLN A 71 5.55 -18.68 -10.40
C GLN A 71 6.45 -18.74 -9.17
N ALA A 72 7.64 -19.31 -9.34
CA ALA A 72 8.58 -19.45 -8.24
C ALA A 72 9.02 -18.14 -7.61
N GLN A 73 9.22 -18.19 -6.30
CA GLN A 73 9.66 -17.04 -5.53
C GLN A 73 11.09 -16.66 -5.88
N GLU A 74 11.35 -15.36 -6.00
CA GLU A 74 12.69 -14.90 -6.32
C GLU A 74 13.03 -13.60 -5.58
N VAL A 75 14.27 -13.51 -5.14
CA VAL A 75 14.75 -12.33 -4.43
C VAL A 75 14.98 -11.18 -5.39
N VAL A 76 14.59 -9.97 -4.98
CA VAL A 76 14.83 -8.77 -5.79
C VAL A 76 16.24 -8.34 -5.39
N ALA A 77 17.24 -8.93 -6.04
CA ALA A 77 18.65 -8.68 -5.75
C ALA A 77 19.09 -7.23 -5.66
N GLN A 78 18.69 -6.41 -6.62
CA GLN A 78 19.07 -5.01 -6.65
C GLN A 78 18.43 -4.14 -5.58
N ALA A 79 17.33 -4.61 -5.00
CA ALA A 79 16.63 -3.85 -3.99
C ALA A 79 17.31 -3.89 -2.63
N ARG A 80 18.55 -3.41 -2.56
CA ARG A 80 19.29 -3.38 -1.31
C ARG A 80 20.50 -2.47 -1.37
N LEU A 81 20.93 -2.02 -0.19
CA LEU A 81 22.11 -1.17 -0.07
C LEU A 81 23.08 -2.00 0.78
N ASP A 82 24.32 -2.09 0.34
CA ASP A 82 25.33 -2.86 1.06
C ASP A 82 25.31 -2.57 2.55
N GLY A 83 25.20 -3.63 3.35
CA GLY A 83 25.17 -3.47 4.80
C GLY A 83 23.88 -2.92 5.38
N HIS A 84 22.80 -3.00 4.62
CA HIS A 84 21.51 -2.51 5.10
C HIS A 84 20.41 -3.53 4.89
N ARG A 85 19.34 -3.39 5.68
CA ARG A 85 18.19 -4.26 5.55
C ARG A 85 17.20 -3.50 4.69
N SER A 86 16.54 -4.19 3.78
CA SER A 86 15.55 -3.56 2.91
C SER A 86 14.17 -3.89 3.46
N MET A 87 13.26 -2.93 3.42
CA MET A 87 11.92 -3.15 3.91
C MET A 87 10.90 -2.22 3.29
N ASN A 88 9.62 -2.50 3.55
CA ASN A 88 8.54 -1.70 3.01
C ASN A 88 8.49 -1.59 1.49
N PRO A 89 8.30 -2.72 0.81
CA PRO A 89 8.24 -2.66 -0.67
C PRO A 89 6.99 -1.87 -1.06
N CYS A 90 7.17 -0.88 -1.95
CA CYS A 90 6.07 -0.06 -2.44
C CYS A 90 6.18 0.01 -3.95
N PRO A 91 5.44 -0.86 -4.66
CA PRO A 91 5.47 -0.89 -6.13
C PRO A 91 4.55 0.08 -6.84
N LEU A 92 4.90 0.40 -8.09
CA LEU A 92 4.12 1.30 -8.92
C LEU A 92 4.33 0.99 -10.41
N TYR A 93 3.25 1.02 -11.17
CA TYR A 93 3.32 0.76 -12.60
C TYR A 93 3.02 2.06 -13.37
N ASP A 94 4.01 2.54 -14.12
CA ASP A 94 3.84 3.77 -14.90
C ASP A 94 3.21 3.40 -16.23
N ALA A 95 1.97 3.84 -16.43
CA ALA A 95 1.24 3.55 -17.67
C ALA A 95 1.78 4.38 -18.82
N GLN A 96 2.50 5.45 -18.49
CA GLN A 96 3.09 6.35 -19.47
C GLN A 96 4.30 5.77 -20.17
N THR A 97 5.20 5.18 -19.39
CA THR A 97 6.43 4.60 -19.93
C THR A 97 6.46 3.08 -19.98
N GLY A 98 5.64 2.43 -19.16
CA GLY A 98 5.64 0.99 -19.13
C GLY A 98 6.77 0.56 -18.21
N THR A 99 7.17 1.48 -17.34
CA THR A 99 8.23 1.24 -16.39
C THR A 99 7.69 0.85 -15.03
N LEU A 100 8.32 -0.12 -14.40
CA LEU A 100 7.93 -0.60 -13.08
C LEU A 100 8.85 0.04 -12.04
N PHE A 101 8.26 0.54 -10.95
CA PHE A 101 9.01 1.17 -9.87
C PHE A 101 8.85 0.38 -8.57
N LEU A 102 9.92 0.27 -7.80
CA LEU A 102 9.85 -0.41 -6.51
C LEU A 102 10.57 0.46 -5.51
N PHE A 103 9.81 1.14 -4.67
CA PHE A 103 10.39 2.00 -3.65
C PHE A 103 10.53 1.16 -2.38
N PHE A 104 11.54 1.46 -1.57
CA PHE A 104 11.73 0.72 -0.34
C PHE A 104 12.65 1.45 0.61
N ILE A 105 12.68 0.99 1.86
CA ILE A 105 13.51 1.59 2.88
C ILE A 105 14.71 0.71 3.22
N ALA A 106 15.87 1.35 3.38
CA ALA A 106 17.08 0.64 3.74
C ALA A 106 17.61 1.19 5.06
N ILE A 107 17.87 0.29 6.00
CA ILE A 107 18.37 0.69 7.32
C ILE A 107 19.62 -0.14 7.63
N PRO A 108 20.62 0.48 8.30
CA PRO A 108 21.87 -0.20 8.67
C PRO A 108 21.65 -1.58 9.26
N GLY A 109 22.54 -2.50 8.89
CA GLY A 109 22.46 -3.87 9.37
C GLY A 109 22.04 -3.98 10.82
N GLN A 110 22.43 -2.98 11.62
CA GLN A 110 22.08 -2.95 13.03
C GLN A 110 20.62 -2.51 13.21
N ARG A 120 19.57 8.94 18.87
CA ARG A 120 18.35 8.83 18.07
C ARG A 120 18.50 9.50 16.71
N ALA A 121 19.65 9.29 16.07
CA ALA A 121 19.91 9.88 14.77
C ALA A 121 19.22 9.11 13.66
N ASN A 122 18.82 9.84 12.62
CA ASN A 122 18.15 9.24 11.46
C ASN A 122 19.19 8.62 10.54
N VAL A 123 19.07 7.31 10.31
CA VAL A 123 19.99 6.59 9.45
C VAL A 123 19.20 5.82 8.37
N THR A 124 17.94 6.20 8.21
CA THR A 124 17.06 5.55 7.24
C THR A 124 17.23 6.15 5.85
N ARG A 125 17.20 5.30 4.83
CA ARG A 125 17.37 5.76 3.45
C ARG A 125 16.20 5.39 2.56
N LEU A 126 15.87 6.30 1.64
CA LEU A 126 14.78 6.09 0.69
C LEU A 126 15.42 5.59 -0.61
N CYS A 127 14.95 4.44 -1.10
CA CYS A 127 15.52 3.88 -2.31
C CYS A 127 14.51 3.56 -3.40
N GLN A 128 15.03 3.39 -4.61
CA GLN A 128 14.20 3.10 -5.76
C GLN A 128 14.94 2.26 -6.80
N VAL A 129 14.28 1.21 -7.28
CA VAL A 129 14.83 0.37 -8.36
C VAL A 129 13.75 0.33 -9.42
N THR A 130 14.16 0.17 -10.68
CA THR A 130 13.21 0.12 -11.77
C THR A 130 13.44 -1.07 -12.69
N SER A 131 12.38 -1.47 -13.36
CA SER A 131 12.44 -2.59 -14.28
C SER A 131 11.67 -2.23 -15.54
N THR A 132 12.24 -2.56 -16.70
CA THR A 132 11.60 -2.28 -17.97
C THR A 132 11.11 -3.58 -18.62
N ASP A 133 11.29 -4.70 -17.93
CA ASP A 133 10.82 -5.97 -18.47
C ASP A 133 9.80 -6.63 -17.54
N HIS A 134 8.88 -5.81 -17.03
CA HIS A 134 7.80 -6.27 -16.16
C HIS A 134 8.24 -6.96 -14.87
N GLY A 135 9.36 -6.53 -14.30
CA GLY A 135 9.81 -7.12 -13.05
C GLY A 135 10.76 -8.30 -13.10
N ARG A 136 11.17 -8.70 -14.29
CA ARG A 136 12.08 -9.84 -14.41
C ARG A 136 13.49 -9.43 -13.96
N THR A 137 13.93 -8.25 -14.37
CA THR A 137 15.24 -7.76 -13.98
C THR A 137 15.13 -6.30 -13.53
N TRP A 138 15.98 -5.91 -12.58
CA TRP A 138 15.96 -4.56 -12.03
C TRP A 138 17.26 -3.79 -12.19
N SER A 139 17.14 -2.47 -12.19
CA SER A 139 18.31 -1.60 -12.30
C SER A 139 18.95 -1.57 -10.92
N SER A 140 20.12 -0.96 -10.82
CA SER A 140 20.78 -0.85 -9.54
C SER A 140 20.00 0.23 -8.77
N PRO A 141 19.95 0.14 -7.44
CA PRO A 141 19.21 1.12 -6.65
C PRO A 141 19.68 2.57 -6.74
N ARG A 142 18.72 3.49 -6.55
CA ARG A 142 18.99 4.93 -6.56
C ARG A 142 18.60 5.44 -5.18
N ASP A 143 19.58 5.99 -4.44
CA ASP A 143 19.32 6.53 -3.11
C ASP A 143 18.78 7.95 -3.26
N LEU A 144 17.48 8.10 -3.03
CA LEU A 144 16.78 9.38 -3.18
C LEU A 144 16.78 10.24 -1.92
N THR A 145 17.23 9.68 -0.82
CA THR A 145 17.23 10.34 0.48
C THR A 145 17.50 11.85 0.57
N ASP A 146 18.70 12.27 0.18
CA ASP A 146 19.07 13.68 0.28
C ASP A 146 18.27 14.66 -0.55
N ALA A 147 18.06 14.33 -1.82
CA ALA A 147 17.34 15.22 -2.73
C ALA A 147 15.83 15.25 -2.49
N ALA A 148 15.29 14.16 -1.95
CA ALA A 148 13.86 14.07 -1.70
C ALA A 148 13.41 14.62 -0.36
N ILE A 149 14.27 14.49 0.65
CA ILE A 149 13.93 14.94 1.99
C ILE A 149 14.56 16.27 2.40
N GLY A 150 15.82 16.46 2.04
CA GLY A 150 16.49 17.71 2.39
C GLY A 150 16.70 17.88 3.89
N PRO A 151 16.77 19.13 4.37
CA PRO A 151 16.98 19.49 5.78
C PRO A 151 16.11 18.75 6.80
N ALA A 152 14.84 18.59 6.49
CA ALA A 152 13.92 17.90 7.39
C ALA A 152 14.48 16.57 7.89
N TYR A 153 15.36 15.98 7.11
CA TYR A 153 15.95 14.69 7.46
C TYR A 153 16.44 14.60 8.90
N ARG A 154 17.17 15.63 9.35
CA ARG A 154 17.69 15.65 10.71
C ARG A 154 16.62 15.94 11.76
N GLU A 155 15.43 16.32 11.33
CA GLU A 155 14.35 16.61 12.25
C GLU A 155 13.50 15.36 12.52
N TRP A 156 13.89 14.24 11.91
CA TRP A 156 13.18 12.98 12.07
C TRP A 156 14.08 11.93 12.69
N SER A 157 13.47 10.97 13.39
CA SER A 157 14.23 9.89 13.99
C SER A 157 14.33 8.80 12.92
N THR A 158 13.28 8.70 12.12
CA THR A 158 13.21 7.75 11.02
C THR A 158 11.93 8.01 10.21
N PHE A 159 11.71 7.22 9.16
CA PHE A 159 10.53 7.39 8.31
C PHE A 159 10.34 6.13 7.48
N ALA A 160 9.28 6.11 6.67
CA ALA A 160 9.02 4.95 5.81
C ALA A 160 8.03 5.27 4.70
N VAL A 161 7.98 4.40 3.70
CA VAL A 161 7.05 4.56 2.60
C VAL A 161 6.11 3.37 2.61
N GLY A 162 4.86 3.61 2.24
CA GLY A 162 3.87 2.55 2.22
C GLY A 162 3.72 1.94 3.60
N PRO A 163 3.79 0.61 3.73
CA PRO A 163 4.02 -0.35 2.65
C PRO A 163 2.82 -0.53 1.74
N GLY A 164 3.06 -1.06 0.54
CA GLY A 164 1.97 -1.28 -0.39
C GLY A 164 2.12 -0.52 -1.69
N HIS A 165 1.19 -0.78 -2.61
CA HIS A 165 1.19 -0.15 -3.91
C HIS A 165 1.10 1.38 -3.80
N CYS A 166 1.65 2.07 -4.80
CA CYS A 166 1.64 3.53 -4.84
C CYS A 166 0.59 4.04 -5.83
N LEU A 167 0.65 5.32 -6.14
CA LEU A 167 -0.31 5.93 -7.03
C LEU A 167 0.31 6.79 -8.15
N GLN A 168 -0.32 6.74 -9.32
CA GLN A 168 0.11 7.57 -10.46
C GLN A 168 -1.13 8.38 -10.84
N LEU A 169 -1.02 9.70 -10.76
CA LEU A 169 -2.13 10.57 -11.07
C LEU A 169 -2.34 10.72 -12.57
N ASN A 170 -3.58 10.98 -12.97
CA ASN A 170 -3.87 11.17 -14.39
C ASN A 170 -3.79 12.65 -14.74
N ASP A 171 -2.98 13.38 -13.97
CA ASP A 171 -2.80 14.81 -14.22
C ASP A 171 -1.97 14.92 -15.49
N ARG A 172 -1.70 16.14 -15.94
CA ARG A 172 -0.92 16.33 -17.16
C ARG A 172 0.44 15.64 -17.09
N ALA A 173 1.13 15.80 -15.97
CA ALA A 173 2.45 15.20 -15.80
C ALA A 173 2.45 13.72 -15.42
N ARG A 174 1.27 13.16 -15.12
CA ARG A 174 1.18 11.74 -14.74
C ARG A 174 2.14 11.57 -13.57
N SER A 175 2.03 12.48 -12.61
CA SER A 175 2.88 12.49 -11.42
C SER A 175 2.82 11.17 -10.66
N LEU A 176 3.93 10.85 -9.99
CA LEU A 176 4.00 9.64 -9.19
C LEU A 176 3.82 10.09 -7.74
N VAL A 177 3.01 9.33 -7.00
CA VAL A 177 2.73 9.66 -5.59
C VAL A 177 3.05 8.49 -4.68
N VAL A 178 3.99 8.67 -3.77
CA VAL A 178 4.37 7.62 -2.86
C VAL A 178 3.92 7.93 -1.43
N PRO A 179 2.95 7.17 -0.92
CA PRO A 179 2.45 7.40 0.44
C PRO A 179 3.57 7.15 1.44
N ALA A 180 3.60 7.91 2.53
CA ALA A 180 4.66 7.75 3.51
C ALA A 180 4.34 8.37 4.87
N TYR A 181 5.31 8.31 5.78
CA TYR A 181 5.15 8.91 7.10
C TYR A 181 6.51 9.08 7.76
N ALA A 182 6.61 10.04 8.67
CA ALA A 182 7.88 10.29 9.35
C ALA A 182 7.69 10.56 10.83
N TYR A 183 8.62 10.06 11.64
CA TYR A 183 8.57 10.31 13.06
C TYR A 183 9.31 11.62 13.28
N ARG A 184 8.57 12.64 13.69
CA ARG A 184 9.16 13.95 13.90
C ARG A 184 9.53 14.20 15.35
N LYS A 185 10.67 14.84 15.55
CA LYS A 185 11.14 15.18 16.89
C LYS A 185 10.61 16.61 17.15
N LEU A 186 9.31 16.70 17.41
CA LEU A 186 8.66 17.98 17.64
C LEU A 186 9.01 18.65 18.96
N HIS A 187 9.19 17.84 20.02
CA HIS A 187 9.53 18.40 21.32
C HIS A 187 10.54 17.51 22.04
N PRO A 188 11.64 18.12 22.52
CA PRO A 188 12.76 17.49 23.24
C PRO A 188 12.37 16.50 24.33
N ILE A 189 11.27 16.76 25.02
CA ILE A 189 10.83 15.89 26.10
C ILE A 189 9.78 14.87 25.65
N GLN A 190 9.18 15.12 24.48
CA GLN A 190 8.19 14.20 23.95
C GLN A 190 8.91 13.24 23.02
N ARG A 191 8.34 12.05 22.84
CA ARG A 191 8.95 11.09 21.93
C ARG A 191 8.55 11.49 20.51
N PRO A 192 9.34 11.08 19.50
CA PRO A 192 9.00 11.43 18.11
C PRO A 192 7.54 11.12 17.79
N ILE A 193 6.91 12.03 17.05
CA ILE A 193 5.51 11.89 16.66
C ILE A 193 5.36 11.70 15.15
N PRO A 194 4.71 10.61 14.73
CA PRO A 194 4.50 10.28 13.32
C PRO A 194 3.41 11.08 12.61
N SER A 195 3.68 11.44 11.37
CA SER A 195 2.73 12.16 10.53
C SER A 195 2.89 11.65 9.10
N ALA A 196 1.78 11.31 8.47
CA ALA A 196 1.81 10.81 7.10
C ALA A 196 2.03 11.98 6.14
N PHE A 197 2.45 11.64 4.92
CA PHE A 197 2.70 12.63 3.88
C PHE A 197 3.01 11.85 2.61
N CYS A 198 3.18 12.55 1.50
CA CYS A 198 3.51 11.90 0.24
C CYS A 198 4.74 12.48 -0.45
N PHE A 199 5.52 11.62 -1.08
CA PHE A 199 6.67 12.04 -1.86
C PHE A 199 6.07 12.24 -3.25
N LEU A 200 6.45 13.33 -3.92
CA LEU A 200 5.90 13.60 -5.23
C LEU A 200 6.97 13.78 -6.31
N SER A 201 6.65 13.34 -7.51
CA SER A 201 7.53 13.45 -8.67
C SER A 201 6.65 13.79 -9.86
N HIS A 202 7.04 14.79 -10.64
CA HIS A 202 6.26 15.19 -11.80
C HIS A 202 6.99 14.89 -13.10
N ASP A 203 8.15 14.24 -12.97
CA ASP A 203 8.96 13.90 -14.13
C ASP A 203 9.29 12.41 -14.13
N HIS A 204 8.28 11.59 -13.84
CA HIS A 204 8.41 10.14 -13.83
C HIS A 204 9.57 9.56 -13.00
N GLY A 205 9.72 10.05 -11.78
CA GLY A 205 10.77 9.53 -10.91
C GLY A 205 12.18 10.07 -11.05
N ARG A 206 12.40 11.09 -11.86
CA ARG A 206 13.75 11.63 -11.99
C ARG A 206 14.07 12.48 -10.77
N THR A 207 13.14 13.33 -10.37
CA THR A 207 13.32 14.16 -9.18
C THR A 207 12.13 13.97 -8.26
N TRP A 208 12.35 14.20 -6.96
CA TRP A 208 11.30 14.03 -5.97
C TRP A 208 11.15 15.20 -5.01
N ALA A 209 9.93 15.39 -4.53
CA ALA A 209 9.63 16.46 -3.58
C ALA A 209 8.87 15.85 -2.42
N ARG A 210 9.01 16.47 -1.26
CA ARG A 210 8.35 16.02 -0.04
C ARG A 210 7.06 16.81 0.14
N GLY A 211 5.93 16.12 0.20
CA GLY A 211 4.67 16.81 0.39
C GLY A 211 4.49 17.21 1.83
N HIS A 212 3.48 18.03 2.11
CA HIS A 212 3.23 18.47 3.49
C HIS A 212 2.56 17.42 4.36
N PHE A 213 2.86 17.46 5.65
CA PHE A 213 2.32 16.50 6.61
C PHE A 213 0.82 16.61 6.82
N VAL A 214 0.18 15.47 7.11
CA VAL A 214 -1.24 15.48 7.41
C VAL A 214 -1.25 15.59 8.94
N ALA A 215 -2.43 15.66 9.54
CA ALA A 215 -2.55 15.77 11.00
C ALA A 215 -1.54 14.96 11.82
N GLN A 216 -1.42 15.30 13.10
CA GLN A 216 -0.51 14.62 14.02
C GLN A 216 -0.91 13.17 14.20
N ASP A 217 0.04 12.34 14.61
CA ASP A 217 -0.18 10.92 14.84
C ASP A 217 -0.82 10.09 13.74
N THR A 218 -0.19 10.06 12.58
CA THR A 218 -0.66 9.25 11.48
C THR A 218 0.56 8.47 10.98
N LEU A 219 0.39 7.17 10.75
CA LEU A 219 1.50 6.33 10.29
C LEU A 219 1.31 5.80 8.87
N GLU A 220 1.59 4.51 8.71
CA GLU A 220 1.46 3.85 7.41
C GLU A 220 0.16 4.24 6.75
N CYS A 221 0.25 4.71 5.51
CA CYS A 221 -0.94 5.12 4.79
C CYS A 221 -0.84 4.75 3.32
N GLN A 222 -1.96 4.87 2.63
CA GLN A 222 -2.04 4.63 1.20
C GLN A 222 -2.93 5.72 0.59
N VAL A 223 -2.73 5.97 -0.70
CA VAL A 223 -3.49 6.99 -1.41
C VAL A 223 -4.16 6.44 -2.65
N ALA A 224 -5.23 7.13 -3.06
CA ALA A 224 -5.98 6.75 -4.23
C ALA A 224 -6.55 8.04 -4.81
N GLU A 225 -6.83 8.06 -6.10
CA GLU A 225 -7.38 9.24 -6.74
C GLU A 225 -8.84 9.01 -7.14
N VAL A 226 -9.68 10.00 -6.86
CA VAL A 226 -11.09 9.93 -7.20
C VAL A 226 -11.50 11.12 -8.06
N GLU A 227 -12.30 10.86 -9.08
CA GLU A 227 -12.77 11.90 -9.99
C GLU A 227 -11.66 12.83 -10.43
N GLU A 230 -13.67 18.03 -14.17
CA GLU A 230 -14.02 17.55 -12.84
C GLU A 230 -12.86 17.75 -11.87
N GLN A 231 -13.17 17.84 -10.59
CA GLN A 231 -12.15 18.03 -9.57
C GLN A 231 -11.38 16.75 -9.25
N ARG A 232 -10.06 16.86 -9.25
CA ARG A 232 -9.17 15.73 -8.95
C ARG A 232 -8.91 15.74 -7.45
N VAL A 233 -9.23 14.63 -6.78
CA VAL A 233 -9.03 14.52 -5.34
C VAL A 233 -8.20 13.31 -4.95
N VAL A 234 -7.19 13.54 -4.13
CA VAL A 234 -6.35 12.46 -3.66
C VAL A 234 -6.77 12.13 -2.23
N THR A 235 -7.24 10.91 -2.02
CA THR A 235 -7.66 10.51 -0.68
C THR A 235 -6.55 9.71 -0.01
N LEU A 236 -6.29 10.02 1.25
CA LEU A 236 -5.25 9.33 2.01
C LEU A 236 -5.89 8.67 3.21
N ASN A 237 -5.65 7.38 3.38
CA ASN A 237 -6.20 6.61 4.50
C ASN A 237 -5.00 6.16 5.33
N ALA A 238 -4.94 6.61 6.58
CA ALA A 238 -3.82 6.31 7.44
C ALA A 238 -4.12 5.64 8.77
N ARG A 239 -3.12 4.89 9.24
CA ARG A 239 -3.16 4.19 10.51
C ARG A 239 -2.91 5.26 11.57
N SER A 240 -3.65 5.20 12.67
CA SER A 240 -3.46 6.16 13.75
C SER A 240 -3.27 5.43 15.07
N HIS A 241 -3.01 6.19 16.13
CA HIS A 241 -2.83 5.57 17.44
C HIS A 241 -4.15 5.64 18.20
N LEU A 242 -5.19 6.10 17.51
CA LEU A 242 -6.53 6.20 18.10
C LEU A 242 -7.36 4.98 17.75
N ARG A 243 -8.63 4.97 18.18
CA ARG A 243 -9.51 3.84 17.92
C ARG A 243 -10.08 3.78 16.51
N ALA A 244 -9.79 4.77 15.67
CA ALA A 244 -10.31 4.78 14.31
C ALA A 244 -9.27 5.28 13.31
N ARG A 245 -9.53 5.05 12.03
CA ARG A 245 -8.63 5.48 10.99
C ARG A 245 -8.66 6.99 10.84
N VAL A 246 -7.61 7.52 10.24
CA VAL A 246 -7.53 8.94 9.95
C VAL A 246 -7.55 9.00 8.44
N GLN A 247 -8.38 9.89 7.90
CA GLN A 247 -8.49 10.05 6.47
C GLN A 247 -8.20 11.50 6.13
N ALA A 248 -7.51 11.74 5.01
CA ALA A 248 -7.19 13.11 4.62
C ALA A 248 -7.39 13.28 3.12
N GLN A 249 -7.72 14.50 2.70
CA GLN A 249 -7.97 14.75 1.28
C GLN A 249 -7.10 15.86 0.74
N SER A 250 -6.58 15.64 -0.47
CA SER A 250 -5.75 16.61 -1.13
C SER A 250 -6.43 17.07 -2.40
N THR A 251 -6.45 18.38 -2.61
CA THR A 251 -7.07 18.96 -3.78
C THR A 251 -5.99 19.46 -4.75
N ASN A 252 -4.74 19.38 -4.33
CA ASN A 252 -3.64 19.81 -5.18
C ASN A 252 -2.63 18.70 -5.44
N ASP A 253 -3.15 17.52 -5.78
CA ASP A 253 -2.35 16.36 -6.11
C ASP A 253 -1.37 15.84 -5.07
N GLY A 254 -1.73 15.92 -3.79
CA GLY A 254 -0.85 15.40 -2.75
C GLY A 254 0.07 16.38 -2.05
N LEU A 255 0.21 17.59 -2.58
CA LEU A 255 1.08 18.57 -1.95
C LEU A 255 0.57 18.93 -0.56
N ASP A 256 -0.74 19.20 -0.47
CA ASP A 256 -1.36 19.55 0.81
C ASP A 256 -2.57 18.69 1.09
N PHE A 257 -2.67 18.22 2.33
CA PHE A 257 -3.80 17.41 2.77
C PHE A 257 -4.47 18.24 3.85
N GLN A 258 -5.25 19.22 3.39
CA GLN A 258 -5.96 20.14 4.27
C GLN A 258 -6.95 19.42 5.17
N GLU A 259 -7.99 18.85 4.57
CA GLU A 259 -9.02 18.13 5.32
C GLU A 259 -8.41 16.91 6.00
N SER A 260 -8.86 16.63 7.22
CA SER A 260 -8.34 15.49 7.98
C SER A 260 -9.21 15.18 9.19
N GLN A 261 -9.72 13.95 9.28
CA GLN A 261 -10.55 13.57 10.41
C GLN A 261 -10.57 12.07 10.68
N LEU A 262 -11.00 11.73 11.89
CA LEU A 262 -11.10 10.34 12.28
C LEU A 262 -12.32 9.76 11.58
N VAL A 263 -12.24 8.50 11.20
CA VAL A 263 -13.33 7.81 10.54
C VAL A 263 -13.77 6.69 11.48
N LYS A 264 -14.70 7.03 12.37
CA LYS A 264 -15.22 6.10 13.36
C LYS A 264 -15.64 4.74 12.82
N LYS A 265 -16.21 4.70 11.62
CA LYS A 265 -16.66 3.45 11.00
C LYS A 265 -15.53 2.50 10.64
N LEU A 266 -14.30 3.02 10.59
CA LEU A 266 -13.13 2.23 10.24
C LEU A 266 -12.29 2.03 11.51
N VAL A 267 -12.56 0.95 12.24
CA VAL A 267 -11.87 0.66 13.49
C VAL A 267 -10.39 0.33 13.41
N GLU A 268 -9.66 0.66 14.47
CA GLU A 268 -8.24 0.38 14.61
C GLU A 268 -8.04 -0.49 15.85
N PRO A 269 -7.36 -1.63 15.71
CA PRO A 269 -7.11 -2.56 16.83
C PRO A 269 -6.20 -1.99 17.92
N PRO A 270 -6.46 -2.38 19.19
CA PRO A 270 -5.84 -2.05 20.47
C PRO A 270 -4.43 -1.46 20.58
N PRO A 271 -3.39 -2.27 20.38
CA PRO A 271 -2.04 -1.70 20.51
C PRO A 271 -1.93 -0.28 19.95
N GLN A 272 -1.66 -0.18 18.65
CA GLN A 272 -1.55 1.11 18.00
C GLN A 272 -2.05 0.98 16.56
N GLY A 273 -3.17 0.28 16.41
CA GLY A 273 -3.77 0.09 15.10
C GLY A 273 -3.03 -0.92 14.23
N CYS A 274 -3.46 -1.00 12.98
CA CYS A 274 -2.86 -1.92 12.01
C CYS A 274 -2.92 -1.23 10.66
N GLN A 275 -2.00 -1.59 9.77
CA GLN A 275 -1.97 -1.02 8.45
C GLN A 275 -3.16 -1.54 7.63
N GLY A 276 -3.65 -0.70 6.73
CA GLY A 276 -4.76 -1.10 5.88
C GLY A 276 -4.50 -0.62 4.47
N SER A 277 -5.31 -1.09 3.52
CA SER A 277 -5.13 -0.72 2.12
C SER A 277 -6.36 -0.03 1.54
N VAL A 278 -6.15 0.82 0.55
CA VAL A 278 -7.26 1.50 -0.11
C VAL A 278 -6.94 1.72 -1.58
N ILE A 279 -7.94 1.48 -2.42
CA ILE A 279 -7.81 1.67 -3.86
C ILE A 279 -9.10 2.27 -4.38
N SER A 280 -9.03 2.80 -5.60
CA SER A 280 -10.21 3.35 -6.25
C SER A 280 -10.47 2.41 -7.41
N PHE A 281 -11.69 2.39 -7.90
CA PHE A 281 -12.04 1.53 -9.02
C PHE A 281 -13.29 2.08 -9.67
N PRO A 282 -13.49 1.79 -10.97
CA PRO A 282 -14.66 2.25 -11.72
C PRO A 282 -15.98 1.93 -11.04
N SER A 283 -16.82 2.95 -10.85
CA SER A 283 -18.12 2.75 -10.23
C SER A 283 -19.07 2.17 -11.27
N PRO A 284 -19.97 1.26 -10.85
CA PRO A 284 -20.92 0.64 -11.77
C PRO A 284 -21.79 1.67 -12.51
N ARG A 285 -21.91 2.87 -11.93
CA ARG A 285 -22.72 3.92 -12.52
C ARG A 285 -21.97 4.64 -13.64
N ALA A 292 -17.69 8.59 -10.75
CA ALA A 292 -16.88 7.87 -11.72
C ALA A 292 -16.10 6.74 -11.08
N GLN A 293 -15.77 6.90 -9.79
CA GLN A 293 -15.05 5.87 -9.07
C GLN A 293 -15.54 5.71 -7.64
N TRP A 294 -15.35 4.50 -7.10
CA TRP A 294 -15.71 4.18 -5.74
C TRP A 294 -14.40 3.77 -5.08
N LEU A 295 -14.42 3.57 -3.77
CA LEU A 295 -13.21 3.17 -3.07
C LEU A 295 -13.44 1.82 -2.38
N LEU A 296 -12.38 1.05 -2.25
CA LEU A 296 -12.43 -0.22 -1.54
C LEU A 296 -11.29 -0.15 -0.53
N TYR A 297 -11.54 -0.68 0.65
CA TYR A 297 -10.56 -0.66 1.73
C TYR A 297 -10.62 -1.98 2.50
N THR A 298 -9.45 -2.51 2.88
CA THR A 298 -9.38 -3.76 3.64
C THR A 298 -8.55 -3.50 4.89
N HIS A 299 -8.90 -4.19 5.98
CA HIS A 299 -8.24 -4.00 7.26
C HIS A 299 -8.91 -4.92 8.28
N PRO A 300 -8.18 -5.35 9.31
CA PRO A 300 -8.79 -6.23 10.33
C PRO A 300 -10.04 -5.53 10.89
N THR A 301 -11.09 -6.30 11.18
CA THR A 301 -12.31 -5.70 11.68
C THR A 301 -12.58 -5.81 13.19
N HIS A 302 -11.83 -6.65 13.89
CA HIS A 302 -12.01 -6.79 15.34
C HIS A 302 -11.49 -5.53 16.02
N SER A 303 -12.29 -4.96 16.91
CA SER A 303 -11.88 -3.74 17.60
C SER A 303 -10.84 -4.01 18.66
N TRP A 304 -10.75 -5.27 19.10
CA TRP A 304 -9.81 -5.65 20.14
C TRP A 304 -8.58 -6.44 19.70
N GLN A 305 -8.48 -6.77 18.42
CA GLN A 305 -7.33 -7.53 17.92
C GLN A 305 -7.23 -7.54 16.39
N ARG A 306 -6.07 -7.95 15.88
CA ARG A 306 -5.88 -8.03 14.43
C ARG A 306 -6.45 -9.34 13.89
N ALA A 307 -7.76 -9.36 13.68
CA ALA A 307 -8.42 -10.55 13.17
C ALA A 307 -9.61 -10.18 12.28
N ASP A 308 -10.06 -11.15 11.50
CA ASP A 308 -11.20 -10.97 10.58
C ASP A 308 -11.03 -9.88 9.54
N LEU A 309 -10.29 -10.18 8.48
CA LEU A 309 -10.08 -9.21 7.42
C LEU A 309 -11.42 -8.82 6.81
N GLY A 310 -11.69 -7.51 6.78
CA GLY A 310 -12.94 -7.05 6.21
C GLY A 310 -12.72 -6.12 5.02
N ALA A 311 -13.72 -6.05 4.15
CA ALA A 311 -13.66 -5.17 2.99
C ALA A 311 -14.73 -4.12 3.20
N TYR A 312 -14.37 -2.86 2.94
CA TYR A 312 -15.31 -1.76 3.10
C TYR A 312 -15.47 -1.05 1.76
N LEU A 313 -16.68 -0.58 1.51
CA LEU A 313 -17.00 0.12 0.27
C LEU A 313 -17.39 1.56 0.56
N ASN A 314 -16.91 2.47 -0.27
CA ASN A 314 -17.31 3.87 -0.13
C ASN A 314 -17.82 4.27 -1.51
N PRO A 315 -19.15 4.29 -1.69
CA PRO A 315 -19.81 4.65 -2.94
C PRO A 315 -19.94 6.16 -3.20
N ARG A 316 -19.60 6.97 -2.22
CA ARG A 316 -19.67 8.42 -2.37
C ARG A 316 -18.38 9.01 -1.83
N PRO A 317 -17.24 8.59 -2.40
CA PRO A 317 -15.92 9.07 -1.98
C PRO A 317 -15.70 10.55 -2.22
N PRO A 318 -14.95 11.21 -1.33
CA PRO A 318 -14.33 10.60 -0.15
C PRO A 318 -15.09 10.80 1.17
N ALA A 319 -16.39 11.07 1.09
CA ALA A 319 -17.19 11.28 2.30
C ALA A 319 -16.99 10.20 3.36
N PRO A 320 -16.48 10.61 4.54
CA PRO A 320 -16.21 9.75 5.69
C PRO A 320 -17.39 8.93 6.18
N GLU A 321 -18.57 9.55 6.21
CA GLU A 321 -19.77 8.86 6.67
C GLU A 321 -20.34 7.91 5.63
N ALA A 322 -19.78 7.94 4.42
CA ALA A 322 -20.25 7.07 3.35
C ALA A 322 -19.62 5.69 3.39
N TRP A 323 -18.60 5.50 4.22
CA TRP A 323 -17.98 4.18 4.33
C TRP A 323 -19.02 3.18 4.81
N SER A 324 -19.05 2.01 4.20
CA SER A 324 -20.02 1.00 4.55
C SER A 324 -19.60 0.14 5.73
N GLU A 325 -20.45 -0.81 6.07
CA GLU A 325 -20.17 -1.76 7.13
C GLU A 325 -19.20 -2.73 6.46
N PRO A 326 -18.32 -3.37 7.23
CA PRO A 326 -17.40 -4.29 6.57
C PRO A 326 -18.00 -5.65 6.24
N VAL A 327 -17.57 -6.22 5.11
CA VAL A 327 -18.00 -7.55 4.71
C VAL A 327 -16.80 -8.43 5.04
N LEU A 328 -17.05 -9.61 5.60
CA LEU A 328 -15.97 -10.50 6.01
C LEU A 328 -15.27 -11.22 4.87
N LEU A 329 -13.98 -10.92 4.70
CA LEU A 329 -13.19 -11.55 3.64
C LEU A 329 -12.46 -12.78 4.15
N ALA A 330 -11.96 -12.70 5.38
CA ALA A 330 -11.23 -13.82 5.98
C ALA A 330 -11.35 -13.83 7.50
N LYS A 331 -11.74 -14.97 8.04
CA LYS A 331 -11.89 -15.12 9.48
C LYS A 331 -10.53 -15.44 10.10
N GLY A 332 -10.38 -15.13 11.38
CA GLY A 332 -9.13 -15.41 12.07
C GLY A 332 -8.07 -14.32 12.01
N SER A 333 -6.90 -14.64 12.54
CA SER A 333 -5.75 -13.73 12.58
C SER A 333 -5.42 -13.15 11.22
N CYS A 334 -5.53 -11.82 11.12
CA CYS A 334 -5.25 -11.10 9.88
C CYS A 334 -4.58 -9.79 10.23
N ALA A 335 -3.56 -9.41 9.45
CA ALA A 335 -2.85 -8.17 9.71
C ALA A 335 -2.77 -7.26 8.47
N TYR A 336 -1.54 -6.94 8.04
CA TYR A 336 -1.33 -6.08 6.89
C TYR A 336 -1.92 -6.60 5.58
N SER A 337 -2.32 -5.69 4.70
CA SER A 337 -2.87 -6.08 3.43
C SER A 337 -2.60 -5.06 2.33
N ASP A 338 -2.90 -5.43 1.09
CA ASP A 338 -2.71 -4.55 -0.04
C ASP A 338 -3.67 -4.96 -1.15
N LEU A 339 -4.31 -3.95 -1.73
CA LEU A 339 -5.28 -4.18 -2.79
C LEU A 339 -4.81 -3.74 -4.15
N GLN A 340 -5.47 -4.28 -5.16
CA GLN A 340 -5.22 -3.95 -6.56
C GLN A 340 -6.50 -4.18 -7.35
N SER A 341 -6.82 -3.22 -8.21
CA SER A 341 -7.99 -3.32 -9.07
C SER A 341 -7.47 -4.14 -10.25
N MET A 342 -8.15 -5.23 -10.59
CA MET A 342 -7.71 -6.09 -11.69
C MET A 342 -8.57 -6.01 -12.95
N GLY A 343 -9.41 -4.97 -13.04
CA GLY A 343 -10.27 -4.83 -14.20
C GLY A 343 -11.63 -5.47 -14.01
N THR A 344 -12.21 -5.94 -15.10
CA THR A 344 -13.53 -6.58 -15.08
C THR A 344 -13.42 -8.07 -14.73
N GLY A 345 -14.27 -8.52 -13.82
CA GLY A 345 -14.25 -9.92 -13.39
C GLY A 345 -15.12 -10.83 -14.24
N PRO A 346 -15.01 -12.15 -14.05
CA PRO A 346 -15.80 -13.12 -14.82
C PRO A 346 -17.31 -12.84 -14.76
N ASP A 347 -17.80 -12.42 -13.60
CA ASP A 347 -19.24 -12.12 -13.47
C ASP A 347 -19.60 -10.74 -13.98
N GLY A 348 -18.65 -10.09 -14.67
CA GLY A 348 -18.90 -8.77 -15.22
C GLY A 348 -18.64 -7.59 -14.31
N SER A 349 -18.50 -7.83 -13.01
CA SER A 349 -18.27 -6.75 -12.05
C SER A 349 -16.78 -6.55 -11.75
N PRO A 350 -16.43 -5.41 -11.12
CA PRO A 350 -15.02 -5.13 -10.79
C PRO A 350 -14.30 -6.28 -10.06
N LEU A 351 -13.13 -6.64 -10.57
CA LEU A 351 -12.32 -7.72 -9.98
C LEU A 351 -11.26 -7.12 -9.07
N PHE A 352 -11.05 -7.75 -7.92
CA PHE A 352 -10.06 -7.26 -6.96
C PHE A 352 -9.10 -8.36 -6.52
N GLY A 353 -7.86 -7.95 -6.26
CA GLY A 353 -6.85 -8.88 -5.80
C GLY A 353 -6.43 -8.35 -4.44
N CYS A 354 -6.19 -9.24 -3.49
CA CYS A 354 -5.79 -8.81 -2.14
C CYS A 354 -4.72 -9.74 -1.58
N LEU A 355 -3.71 -9.15 -0.95
CA LEU A 355 -2.61 -9.89 -0.36
C LEU A 355 -2.58 -9.50 1.12
N TYR A 356 -2.66 -10.47 2.03
CA TYR A 356 -2.65 -10.14 3.45
C TYR A 356 -1.94 -11.14 4.34
N GLU A 357 -1.42 -10.66 5.45
CA GLU A 357 -0.72 -11.50 6.42
C GLU A 357 -1.76 -12.23 7.25
N ALA A 358 -1.57 -13.53 7.44
CA ALA A 358 -2.51 -14.33 8.21
C ALA A 358 -1.84 -15.33 9.11
N ASN A 359 -2.65 -15.94 9.98
CA ASN A 359 -2.20 -16.95 10.93
C ASN A 359 -1.02 -16.53 11.78
N ASP A 360 -1.19 -15.44 12.53
CA ASP A 360 -0.13 -14.93 13.39
C ASP A 360 1.16 -14.73 12.60
N TYR A 361 1.04 -14.13 11.43
CA TYR A 361 2.18 -13.84 10.56
C TYR A 361 2.89 -15.09 10.05
N GLU A 362 2.19 -16.22 10.02
CA GLU A 362 2.79 -17.46 9.52
C GLU A 362 2.74 -17.52 8.00
N GLU A 363 1.96 -16.63 7.38
CA GLU A 363 1.87 -16.62 5.93
C GLU A 363 1.22 -15.38 5.35
N ILE A 364 1.29 -15.28 4.02
CA ILE A 364 0.69 -14.18 3.29
C ILE A 364 -0.22 -14.83 2.27
N VAL A 365 -1.50 -14.50 2.32
CA VAL A 365 -2.48 -15.10 1.44
C VAL A 365 -2.97 -14.21 0.31
N PHE A 366 -3.16 -14.81 -0.86
CA PHE A 366 -3.69 -14.08 -2.00
C PHE A 366 -5.16 -14.42 -2.09
N LEU A 367 -5.98 -13.39 -2.14
CA LEU A 367 -7.42 -13.54 -2.22
C LEU A 367 -7.87 -12.76 -3.45
N MET A 368 -8.75 -13.35 -4.26
CA MET A 368 -9.27 -12.70 -5.46
C MET A 368 -10.79 -12.80 -5.44
N PHE A 369 -11.47 -11.67 -5.63
CA PHE A 369 -12.92 -11.64 -5.59
C PHE A 369 -13.44 -10.43 -6.36
N THR A 370 -14.75 -10.41 -6.62
CA THR A 370 -15.38 -9.31 -7.35
C THR A 370 -16.30 -8.49 -6.44
N LEU A 371 -16.73 -7.34 -6.95
CA LEU A 371 -17.62 -6.46 -6.21
C LEU A 371 -18.97 -7.17 -6.03
N LYS A 372 -19.39 -7.91 -7.05
CA LYS A 372 -20.65 -8.62 -6.98
C LYS A 372 -20.64 -9.64 -5.84
N GLN A 373 -19.53 -10.37 -5.70
CA GLN A 373 -19.40 -11.38 -4.64
C GLN A 373 -19.43 -10.75 -3.24
N ALA A 374 -18.72 -9.63 -3.08
CA ALA A 374 -18.61 -8.95 -1.78
C ALA A 374 -19.75 -7.99 -1.41
N PHE A 375 -20.21 -7.19 -2.37
CA PHE A 375 -21.29 -6.23 -2.12
C PHE A 375 -22.41 -6.40 -3.16
N PRO A 376 -23.05 -7.58 -3.17
CA PRO A 376 -24.14 -7.89 -4.10
C PRO A 376 -25.28 -6.89 -4.14
N ALA A 377 -25.45 -6.15 -3.04
CA ALA A 377 -26.53 -5.18 -2.95
C ALA A 377 -26.19 -3.83 -3.58
N GLU A 378 -24.92 -3.65 -3.94
CA GLU A 378 -24.44 -2.41 -4.53
C GLU A 378 -24.23 -2.53 -6.04
#